data_7ZUK
#
_entry.id   7ZUK
#
_cell.length_a   96.608
_cell.length_b   148.936
_cell.length_c   99.704
_cell.angle_alpha   90.000
_cell.angle_beta   90.000
_cell.angle_gamma   90.000
#
_symmetry.space_group_name_H-M   'C 2 2 21'
#
loop_
_entity.id
_entity.type
_entity.pdbx_description
1 polymer 'Penicillin-binding protein 1b'
2 non-polymer 6-azido-N-[(2S)-1-oxidanylidene-1-[[(2S,3R)-3-oxidanyl-1-oxidanylidene-butan-2-yl]amino]-3-phenyl-propan-2-yl]hexanamide
3 non-polymer 'CHLORIDE ION'
4 non-polymer 'DIMETHYL SULFOXIDE'
5 water water
#
_entity_poly.entity_id   1
_entity_poly.type   'polypeptide(L)'
_entity_poly.pdbx_seq_one_letter_code
;MQNQLNELKRKMLEFFQQKQKNKKSARPGKKGSSTKKSKTLDKSAIFPAILLSIKALFNLLFVLGFLGGMLGAGIALGYG
VALFDKVRVPQTEELVNQVKDISSISEITYSDGTVIASIESDLLRTSISSEQISENLKKAIIATEDEHFKEHKGVVPKAV
IRATLGKFVGLGSSSGGSTLTQQLIKQQVVGDAPTLARKAAEIVDALALERAMNKDEILTTYLNVAPFGRNNKGQNIAGA
RQAAEGIFGVDASQLTVPQAAFLAGLPQSPITYSPYENTGELKSDEDLEIGLRRAKAVLYSMYRTGALSKDEYSQYKDYD
LKQDFLPSGTVTGISRDYLYFTTLAEAQERMYDYLAQRDNVSAKELKNEATQKFYRDLAAKEIENGGYKITTTIDQKIHS
AMQSAVADYGYLLDDGTGRVEVGNVLMDNQTGAILGFVGGRNYQENQNNHAFDTKRSPASTTKPLLAYGIAIDQGLMGSE
TILSNYPTNFANGNPIMYANSKGTGMMTLGEALNYSWNIPAYWTYRMLRENGVDVKGYMEKMGYEIPEYGIESLPMGGGI
EVTVAQHTNGYQTLANNGVYHQKHVISKIEAADGRVVYEYQDKPVQVYSKATATIMQGLLREVLSSRVTTTFKSNLTSLN
PTLANADWIGKTGTTGQDENMWLMLSTPRLTLGGWIGHDDNHSLSQQAGYSNNSNYMAHLVNAIQQASPSIWGNERFALD
PSVVKSEVLKSTGQKPGKVSVEGKEVEVTGSTVTSYWANKSGAPATSYRFAIGGSDADYQNAWSSIVGSLPTPSSSSSSS
SSSSDSSNSSTTRPSSSRARR
;
_entity_poly.pdbx_strand_id   AAA
#
loop_
_chem_comp.id
_chem_comp.type
_chem_comp.name
_chem_comp.formula
CL non-polymer 'CHLORIDE ION' 'Cl -1'
DMS non-polymer 'DIMETHYL SULFOXIDE' 'C2 H6 O S'
KQI non-polymer 6-azido-N-[(2S)-1-oxidanylidene-1-[[(2S,3R)-3-oxidanyl-1-oxidanylidene-butan-2-yl]amino]-3-phenyl-propan-2-yl]hexanamide 'C19 H27 N5 O4'
#
# COMPACT_ATOMS: atom_id res chain seq x y z
N ASP A 337 -4.78 -21.85 16.67
CA ASP A 337 -4.52 -20.41 16.56
C ASP A 337 -4.62 -19.96 15.09
N TYR A 338 -4.32 -18.69 14.80
CA TYR A 338 -4.62 -18.14 13.45
C TYR A 338 -3.83 -18.95 12.39
N LEU A 339 -2.57 -19.23 12.71
CA LEU A 339 -1.59 -19.80 11.75
C LEU A 339 -2.06 -21.20 11.36
N TYR A 340 -2.50 -21.99 12.35
CA TYR A 340 -2.99 -23.35 12.08
C TYR A 340 -4.11 -23.30 11.02
N PHE A 341 -5.11 -22.43 11.23
CA PHE A 341 -6.34 -22.46 10.41
C PHE A 341 -6.05 -21.81 9.06
N THR A 342 -5.16 -20.82 9.02
CA THR A 342 -4.80 -20.14 7.74
C THR A 342 -4.08 -21.16 6.85
N THR A 343 -3.14 -21.88 7.43
CA THR A 343 -2.31 -22.91 6.73
C THR A 343 -3.21 -24.05 6.27
N LEU A 344 -4.11 -24.49 7.15
CA LEU A 344 -5.03 -25.62 6.85
C LEU A 344 -5.92 -25.22 5.67
N ALA A 345 -6.50 -24.03 5.71
CA ALA A 345 -7.40 -23.54 4.64
C ALA A 345 -6.63 -23.53 3.32
N GLU A 346 -5.39 -23.03 3.32
CA GLU A 346 -4.65 -22.89 2.03
C GLU A 346 -4.28 -24.30 1.55
N ALA A 347 -3.86 -25.18 2.46
CA ALA A 347 -3.39 -26.54 2.09
C ALA A 347 -4.57 -27.35 1.54
N GLN A 348 -5.76 -27.16 2.10
CA GLN A 348 -7.01 -27.79 1.63
C GLN A 348 -7.31 -27.35 0.19
N GLU A 349 -7.11 -26.07 -0.13
CA GLU A 349 -7.37 -25.54 -1.51
C GLU A 349 -6.37 -26.16 -2.48
N ARG A 350 -5.09 -26.25 -2.10
CA ARG A 350 -4.04 -26.84 -2.96
C ARG A 350 -4.30 -28.35 -3.11
N MET A 351 -4.75 -29.02 -2.05
CA MET A 351 -5.01 -30.47 -2.10
C MET A 351 -6.22 -30.72 -2.99
N TYR A 352 -7.18 -29.79 -3.01
CA TYR A 352 -8.40 -29.89 -3.85
C TYR A 352 -7.98 -29.91 -5.33
N ASP A 353 -7.14 -28.97 -5.73
CA ASP A 353 -6.64 -28.83 -7.13
C ASP A 353 -5.88 -30.11 -7.48
N TYR A 354 -5.04 -30.57 -6.57
CA TYR A 354 -4.17 -31.74 -6.83
C TYR A 354 -5.03 -32.99 -7.07
N LEU A 355 -6.01 -33.23 -6.19
CA LEU A 355 -6.84 -34.46 -6.23
C LEU A 355 -7.69 -34.44 -7.50
N ALA A 356 -8.25 -33.29 -7.85
CA ALA A 356 -9.11 -33.18 -9.05
C ALA A 356 -8.29 -33.49 -10.30
N GLN A 357 -7.07 -32.94 -10.39
CA GLN A 357 -6.13 -33.22 -11.51
C GLN A 357 -5.73 -34.70 -11.50
N ARG A 358 -5.42 -35.23 -10.33
CA ARG A 358 -4.98 -36.64 -10.17
C ARG A 358 -6.07 -37.57 -10.73
N ASP A 359 -7.32 -37.30 -10.40
CA ASP A 359 -8.48 -38.17 -10.73
C ASP A 359 -8.99 -37.80 -12.12
N ASN A 360 -8.28 -36.90 -12.81
CA ASN A 360 -8.58 -36.57 -14.24
C ASN A 360 -10.00 -35.99 -14.31
N VAL A 361 -10.38 -35.18 -13.34
CA VAL A 361 -11.72 -34.53 -13.37
C VAL A 361 -11.64 -33.30 -14.27
N SER A 362 -12.41 -33.29 -15.36
CA SER A 362 -12.50 -32.17 -16.35
C SER A 362 -12.93 -30.88 -15.64
N ALA A 363 -12.59 -29.73 -16.22
CA ALA A 363 -12.94 -28.39 -15.68
C ALA A 363 -14.47 -28.23 -15.71
N LYS A 364 -15.13 -28.87 -16.68
CA LYS A 364 -16.61 -28.92 -16.77
C LYS A 364 -17.17 -29.71 -15.59
N GLU A 365 -16.70 -30.96 -15.42
CA GLU A 365 -17.09 -31.86 -14.30
C GLU A 365 -16.94 -31.10 -12.98
N LEU A 366 -15.91 -30.25 -12.88
CA LEU A 366 -15.54 -29.51 -11.63
C LEU A 366 -16.56 -28.39 -11.35
N LYS A 367 -17.36 -28.01 -12.35
CA LYS A 367 -18.42 -26.99 -12.18
C LYS A 367 -19.62 -27.58 -11.44
N ASN A 368 -19.75 -28.91 -11.42
CA ASN A 368 -20.87 -29.59 -10.71
C ASN A 368 -20.70 -29.42 -9.20
N GLU A 369 -21.69 -28.84 -8.53
CA GLU A 369 -21.61 -28.49 -7.09
CA GLU A 369 -21.65 -28.50 -7.08
C GLU A 369 -21.42 -29.76 -6.25
N ALA A 370 -22.03 -30.88 -6.66
CA ALA A 370 -21.90 -32.12 -5.88
C ALA A 370 -20.47 -32.67 -6.02
N THR A 371 -19.90 -32.60 -7.22
CA THR A 371 -18.51 -33.04 -7.46
C THR A 371 -17.56 -32.14 -6.65
N GLN A 372 -17.81 -30.84 -6.62
CA GLN A 372 -16.95 -29.89 -5.87
C GLN A 372 -16.98 -30.24 -4.38
N LYS A 373 -18.17 -30.42 -3.81
CA LYS A 373 -18.36 -30.77 -2.38
C LYS A 373 -17.55 -32.04 -2.07
N PHE A 374 -17.63 -33.04 -2.96
CA PHE A 374 -16.93 -34.33 -2.74
C PHE A 374 -15.42 -34.06 -2.70
N TYR A 375 -14.90 -33.26 -3.64
CA TYR A 375 -13.44 -33.00 -3.72
C TYR A 375 -12.97 -32.11 -2.57
N ARG A 376 -13.78 -31.16 -2.09
CA ARG A 376 -13.45 -30.37 -0.86
CA ARG A 376 -13.44 -30.37 -0.87
C ARG A 376 -13.37 -31.32 0.34
N ASP A 377 -14.34 -32.22 0.48
CA ASP A 377 -14.39 -33.17 1.62
CA ASP A 377 -14.40 -33.18 1.61
C ASP A 377 -13.19 -34.12 1.51
N LEU A 378 -12.90 -34.62 0.32
CA LEU A 378 -11.74 -35.52 0.08
C LEU A 378 -10.43 -34.79 0.44
N ALA A 379 -10.28 -33.54 0.01
CA ALA A 379 -9.06 -32.74 0.32
C ALA A 379 -8.91 -32.60 1.85
N ALA A 380 -9.99 -32.33 2.56
CA ALA A 380 -9.97 -32.14 4.03
C ALA A 380 -9.52 -33.45 4.70
N LYS A 381 -10.05 -34.57 4.25
CA LYS A 381 -9.74 -35.88 4.88
C LYS A 381 -8.29 -36.27 4.55
N GLU A 382 -7.83 -35.98 3.33
CA GLU A 382 -6.45 -36.26 2.89
C GLU A 382 -5.49 -35.53 3.83
N ILE A 383 -5.70 -34.24 4.07
CA ILE A 383 -4.86 -33.44 5.00
C ILE A 383 -4.99 -34.07 6.39
N GLU A 384 -6.22 -34.33 6.84
CA GLU A 384 -6.48 -34.80 8.22
C GLU A 384 -5.78 -36.16 8.44
N ASN A 385 -5.87 -37.08 7.48
CA ASN A 385 -5.51 -38.50 7.68
C ASN A 385 -4.12 -38.81 7.11
N GLY A 386 -3.65 -38.02 6.15
CA GLY A 386 -2.75 -38.46 5.06
C GLY A 386 -1.26 -38.34 5.37
N GLY A 387 -0.89 -37.64 6.44
CA GLY A 387 0.53 -37.47 6.84
C GLY A 387 1.34 -36.67 5.82
N TYR A 388 0.71 -35.69 5.16
CA TYR A 388 1.41 -34.74 4.26
C TYR A 388 2.33 -33.83 5.08
N LYS A 389 3.43 -33.41 4.45
CA LYS A 389 4.39 -32.42 4.99
C LYS A 389 4.09 -31.07 4.32
N ILE A 390 3.62 -30.11 5.11
CA ILE A 390 3.36 -28.74 4.59
C ILE A 390 4.53 -27.84 5.01
N THR A 391 5.28 -27.32 4.03
CA THR A 391 6.39 -26.36 4.23
C THR A 391 5.82 -24.95 4.07
N THR A 392 5.94 -24.14 5.12
CA THR A 392 5.46 -22.74 5.08
C THR A 392 6.66 -21.82 5.04
N THR A 393 6.40 -20.55 4.73
CA THR A 393 7.40 -19.46 4.69
C THR A 393 7.56 -18.85 6.08
N ILE A 394 6.80 -19.33 7.07
CA ILE A 394 6.71 -18.70 8.41
C ILE A 394 8.05 -18.86 9.12
N ASP A 395 8.60 -17.73 9.59
CA ASP A 395 9.77 -17.71 10.49
C ASP A 395 9.25 -17.87 11.91
N GLN A 396 9.45 -19.04 12.53
CA GLN A 396 8.68 -19.35 13.75
C GLN A 396 9.08 -18.38 14.86
N LYS A 397 10.37 -18.01 14.99
CA LYS A 397 10.82 -17.08 16.06
C LYS A 397 10.16 -15.73 15.82
N ILE A 398 10.09 -15.28 14.58
CA ILE A 398 9.49 -13.96 14.28
C ILE A 398 7.98 -14.03 14.52
N HIS A 399 7.32 -15.06 14.02
CA HIS A 399 5.85 -15.18 14.16
C HIS A 399 5.51 -15.25 15.66
N SER A 400 6.26 -16.04 16.42
CA SER A 400 6.05 -16.13 17.88
C SER A 400 6.25 -14.74 18.55
N ALA A 401 7.30 -14.00 18.17
CA ALA A 401 7.54 -12.65 18.71
C ALA A 401 6.36 -11.73 18.39
N MET A 402 5.78 -11.84 17.19
CA MET A 402 4.62 -11.02 16.79
C MET A 402 3.41 -11.39 17.66
N GLN A 403 3.19 -12.67 18.00
CA GLN A 403 2.06 -13.04 18.89
C GLN A 403 2.27 -12.44 20.28
N SER A 404 3.49 -12.48 20.80
CA SER A 404 3.82 -11.94 22.15
C SER A 404 3.66 -10.42 22.13
N ALA A 405 3.98 -9.77 21.00
CA ALA A 405 3.88 -8.30 20.86
C ALA A 405 2.41 -7.90 20.95
N VAL A 406 1.52 -8.59 20.22
CA VAL A 406 0.10 -8.17 20.24
C VAL A 406 -0.50 -8.53 21.60
N ALA A 407 -0.07 -9.64 22.22
CA ALA A 407 -0.53 -9.99 23.58
C ALA A 407 -0.11 -8.91 24.58
N ASP A 408 1.14 -8.43 24.52
CA ASP A 408 1.71 -7.49 25.52
C ASP A 408 1.29 -6.05 25.22
N TYR A 409 1.19 -5.68 23.95
CA TYR A 409 1.06 -4.25 23.56
C TYR A 409 -0.22 -3.96 22.76
N GLY A 410 -1.05 -4.95 22.49
CA GLY A 410 -2.31 -4.67 21.77
C GLY A 410 -3.18 -3.68 22.50
N TYR A 411 -3.11 -3.63 23.84
CA TYR A 411 -3.95 -2.68 24.63
C TYR A 411 -3.60 -1.23 24.24
N LEU A 412 -2.42 -1.02 23.65
CA LEU A 412 -2.00 0.35 23.21
C LEU A 412 -2.94 0.83 22.10
N LEU A 413 -3.71 -0.08 21.50
CA LEU A 413 -4.66 0.27 20.40
C LEU A 413 -5.96 0.79 20.99
N ASP A 414 -6.25 0.48 22.25
CA ASP A 414 -7.58 0.79 22.84
C ASP A 414 -7.64 2.29 23.09
N ASP A 415 -8.59 2.98 22.44
CA ASP A 415 -8.57 4.46 22.30
C ASP A 415 -9.86 5.04 22.89
N GLY A 416 -10.65 4.23 23.61
CA GLY A 416 -11.91 4.69 24.21
C GLY A 416 -13.10 4.48 23.30
N THR A 417 -12.96 3.69 22.23
CA THR A 417 -14.11 3.31 21.36
C THR A 417 -14.38 1.81 21.48
N GLY A 418 -13.92 1.17 22.55
CA GLY A 418 -14.05 -0.28 22.74
C GLY A 418 -12.78 -1.00 22.32
N ARG A 419 -12.77 -2.32 22.43
CA ARG A 419 -11.62 -3.17 22.09
C ARG A 419 -11.33 -3.05 20.59
N VAL A 420 -10.14 -2.57 20.24
CA VAL A 420 -9.78 -2.31 18.82
C VAL A 420 -9.16 -3.59 18.26
N GLU A 421 -9.63 -4.05 17.09
CA GLU A 421 -9.07 -5.25 16.43
C GLU A 421 -7.94 -4.82 15.50
N VAL A 422 -7.15 -5.79 15.07
CA VAL A 422 -5.85 -5.53 14.43
C VAL A 422 -5.52 -6.69 13.50
N GLY A 423 -4.86 -6.37 12.39
CA GLY A 423 -4.25 -7.32 11.47
C GLY A 423 -2.93 -6.79 10.99
N ASN A 424 -1.93 -7.65 10.94
CA ASN A 424 -0.58 -7.28 10.44
C ASN A 424 -0.05 -8.45 9.62
N VAL A 425 0.66 -8.14 8.54
CA VAL A 425 1.37 -9.16 7.72
C VAL A 425 2.79 -8.66 7.49
N LEU A 426 3.76 -9.52 7.81
CA LEU A 426 5.17 -9.23 7.55
C LEU A 426 5.64 -10.06 6.35
N MET A 427 6.13 -9.38 5.32
CA MET A 427 6.39 -9.98 4.01
C MET A 427 7.82 -9.69 3.56
N ASP A 428 8.49 -10.71 3.05
CA ASP A 428 9.82 -10.58 2.42
C ASP A 428 9.63 -9.90 1.06
N ASN A 429 10.31 -8.76 0.85
CA ASN A 429 10.08 -7.98 -0.38
C ASN A 429 10.63 -8.70 -1.61
N GLN A 430 11.66 -9.53 -1.44
CA GLN A 430 12.34 -10.18 -2.60
C GLN A 430 11.56 -11.42 -3.05
N THR A 431 10.63 -11.96 -2.25
CA THR A 431 10.01 -13.27 -2.58
C THR A 431 8.47 -13.26 -2.47
N GLY A 432 7.88 -12.34 -1.71
CA GLY A 432 6.44 -12.37 -1.37
C GLY A 432 6.15 -13.37 -0.26
N ALA A 433 7.18 -14.02 0.27
CA ALA A 433 7.03 -14.97 1.40
C ALA A 433 6.50 -14.20 2.62
N ILE A 434 5.50 -14.75 3.29
CA ILE A 434 4.96 -14.19 4.58
C ILE A 434 5.71 -14.83 5.76
N LEU A 435 6.47 -14.03 6.48
CA LEU A 435 7.36 -14.51 7.57
C LEU A 435 6.56 -14.62 8.88
N GLY A 436 5.50 -13.84 9.01
CA GLY A 436 4.67 -13.86 10.22
C GLY A 436 3.50 -12.93 10.07
N PHE A 437 2.52 -13.04 10.93
CA PHE A 437 1.34 -12.16 10.86
C PHE A 437 0.66 -12.10 12.22
N VAL A 438 -0.17 -11.07 12.39
CA VAL A 438 -1.06 -10.93 13.56
C VAL A 438 -2.49 -11.06 13.04
N GLY A 439 -3.21 -12.06 13.50
CA GLY A 439 -4.60 -12.30 13.05
C GLY A 439 -5.61 -11.47 13.83
N GLY A 440 -5.24 -11.02 15.03
CA GLY A 440 -6.13 -10.22 15.90
C GLY A 440 -5.62 -10.17 17.31
N ARG A 441 -6.41 -9.58 18.21
CA ARG A 441 -6.01 -9.30 19.61
C ARG A 441 -5.81 -10.61 20.37
N ASN A 442 -6.59 -11.63 20.07
CA ASN A 442 -6.64 -12.86 20.91
C ASN A 442 -7.58 -13.89 20.28
N TYR A 443 -7.04 -14.84 19.52
CA TYR A 443 -7.82 -15.96 18.88
C TYR A 443 -8.89 -16.52 19.83
N GLN A 444 -8.53 -16.78 21.09
CA GLN A 444 -9.40 -17.46 22.07
C GLN A 444 -10.67 -16.65 22.30
N GLU A 445 -10.61 -15.32 22.16
CA GLU A 445 -11.76 -14.42 22.45
C GLU A 445 -12.49 -14.07 21.15
N ASN A 446 -11.79 -14.10 20.01
CA ASN A 446 -12.33 -13.70 18.68
C ASN A 446 -11.46 -14.34 17.59
N GLN A 447 -12.04 -15.23 16.78
CA GLN A 447 -11.31 -16.12 15.83
C GLN A 447 -11.17 -15.47 14.43
N ASN A 448 -11.81 -14.32 14.21
CA ASN A 448 -11.80 -13.66 12.87
C ASN A 448 -10.36 -13.35 12.51
N ASN A 449 -9.90 -13.77 11.33
CA ASN A 449 -8.51 -13.55 10.91
C ASN A 449 -8.43 -12.20 10.18
N HIS A 450 -7.91 -11.18 10.84
CA HIS A 450 -7.90 -9.80 10.30
C HIS A 450 -6.71 -9.60 9.35
N ALA A 451 -5.87 -10.61 9.16
CA ALA A 451 -4.72 -10.51 8.24
C ALA A 451 -5.12 -11.04 6.86
N PHE A 452 -5.94 -12.10 6.79
CA PHE A 452 -6.17 -12.87 5.54
C PHE A 452 -7.64 -12.87 5.15
N ASP A 453 -8.56 -12.66 6.09
CA ASP A 453 -9.99 -12.97 5.81
C ASP A 453 -10.78 -11.66 5.69
N THR A 454 -10.51 -10.67 6.55
CA THR A 454 -11.34 -9.44 6.66
C THR A 454 -10.92 -8.46 5.56
N LYS A 455 -11.89 -7.86 4.89
CA LYS A 455 -11.60 -6.88 3.82
C LYS A 455 -12.15 -5.52 4.23
N ARG A 456 -11.32 -4.49 4.16
CA ARG A 456 -11.71 -3.11 4.50
C ARG A 456 -11.07 -2.19 3.46
N SER A 457 -11.60 -0.99 3.28
CA SER A 457 -10.95 0.01 2.40
C SER A 457 -9.56 0.33 2.95
N PRO A 458 -8.51 0.31 2.10
CA PRO A 458 -7.17 0.75 2.46
C PRO A 458 -7.03 2.28 2.51
N ALA A 459 -8.12 2.99 2.22
CA ALA A 459 -8.16 4.46 2.34
C ALA A 459 -6.98 5.06 1.58
N SER A 460 -6.29 6.03 2.16
CA SER A 460 -5.29 6.86 1.44
C SER A 460 -4.01 6.08 1.18
N THR A 461 -3.86 4.87 1.70
CA THR A 461 -2.72 4.01 1.29
C THR A 461 -2.88 3.53 -0.15
N THR A 462 -4.02 3.80 -0.81
CA THR A 462 -4.24 3.49 -2.24
C THR A 462 -3.43 4.45 -3.10
N LYS A 463 -3.17 5.67 -2.60
CA LYS A 463 -2.68 6.80 -3.42
C LYS A 463 -1.36 6.47 -4.11
N PRO A 464 -0.33 5.93 -3.43
CA PRO A 464 0.96 5.69 -4.07
C PRO A 464 0.87 4.69 -5.22
N LEU A 465 -0.05 3.73 -5.11
CA LEU A 465 -0.16 2.58 -6.04
C LEU A 465 -1.00 2.99 -7.26
N LEU A 466 -2.12 3.65 -7.02
CA LEU A 466 -3.21 3.70 -8.01
C LEU A 466 -3.18 5.07 -8.69
N ALA A 467 -2.68 6.10 -8.01
CA ALA A 467 -2.70 7.47 -8.54
C ALA A 467 -1.26 7.89 -8.85
N TYR A 468 -0.47 8.18 -7.82
CA TYR A 468 0.83 8.87 -8.02
C TYR A 468 1.80 7.92 -8.73
N GLY A 469 1.90 6.67 -8.27
CA GLY A 469 2.83 5.70 -8.86
C GLY A 469 2.57 5.52 -10.34
N ILE A 470 1.31 5.35 -10.72
CA ILE A 470 0.96 5.17 -12.16
C ILE A 470 1.22 6.48 -12.92
N ALA A 471 0.86 7.63 -12.37
CA ALA A 471 1.14 8.91 -13.06
C ALA A 471 2.65 9.03 -13.36
N ILE A 472 3.50 8.76 -12.37
CA ILE A 472 4.98 8.85 -12.55
C ILE A 472 5.40 7.84 -13.61
N ASP A 473 4.84 6.63 -13.54
CA ASP A 473 5.24 5.52 -14.44
C ASP A 473 4.91 5.90 -15.89
N GLN A 474 3.87 6.72 -16.08
CA GLN A 474 3.33 7.08 -17.41
C GLN A 474 3.98 8.38 -17.88
N GLY A 475 4.91 8.94 -17.11
CA GLY A 475 5.63 10.18 -17.46
C GLY A 475 4.71 11.40 -17.42
N LEU A 476 3.70 11.36 -16.54
CA LEU A 476 2.71 12.44 -16.39
C LEU A 476 3.05 13.31 -15.18
N MET A 477 4.07 12.94 -14.41
CA MET A 477 4.50 13.76 -13.26
C MET A 477 5.86 13.27 -12.75
N GLY A 478 6.56 14.16 -12.05
CA GLY A 478 7.83 13.86 -11.38
C GLY A 478 7.74 14.21 -9.91
N SER A 479 8.84 14.03 -9.18
CA SER A 479 8.86 14.12 -7.69
C SER A 479 8.50 15.53 -7.22
N GLU A 480 8.78 16.57 -8.01
CA GLU A 480 8.50 17.97 -7.56
C GLU A 480 7.43 18.60 -8.44
N THR A 481 6.66 17.78 -9.15
CA THR A 481 5.48 18.26 -9.88
C THR A 481 4.53 18.94 -8.90
N ILE A 482 3.83 19.96 -9.37
CA ILE A 482 2.84 20.74 -8.57
C ILE A 482 1.44 20.20 -8.87
N LEU A 483 0.62 20.11 -7.83
CA LEU A 483 -0.78 19.68 -7.96
C LEU A 483 -1.69 20.72 -7.31
N SER A 484 -2.92 20.79 -7.80
CA SER A 484 -3.96 21.66 -7.20
C SER A 484 -4.52 21.00 -5.95
N ASN A 485 -4.49 21.73 -4.84
CA ASN A 485 -5.30 21.42 -3.65
C ASN A 485 -6.35 22.52 -3.46
N TYR A 486 -6.61 23.31 -4.50
CA TYR A 486 -7.71 24.31 -4.43
C TYR A 486 -9.03 23.56 -4.25
N PRO A 487 -10.00 24.16 -3.54
CA PRO A 487 -11.32 23.56 -3.37
C PRO A 487 -11.92 23.11 -4.71
N THR A 488 -12.55 21.93 -4.67
CA THR A 488 -13.29 21.37 -5.81
C THR A 488 -14.32 20.37 -5.29
N ASN A 489 -15.31 20.04 -6.13
CA ASN A 489 -16.46 19.18 -5.75
C ASN A 489 -16.36 17.85 -6.49
N PHE A 490 -16.80 16.78 -5.84
CA PHE A 490 -17.16 15.51 -6.53
C PHE A 490 -18.32 15.78 -7.51
N ALA A 491 -18.54 14.84 -8.43
CA ALA A 491 -19.57 14.92 -9.49
C ALA A 491 -20.94 15.20 -8.87
N ASN A 492 -21.18 14.73 -7.65
CA ASN A 492 -22.49 14.88 -6.95
C ASN A 492 -22.57 16.20 -6.16
N GLY A 493 -21.58 17.09 -6.28
CA GLY A 493 -21.66 18.46 -5.73
C GLY A 493 -21.04 18.59 -4.35
N ASN A 494 -20.76 17.46 -3.69
CA ASN A 494 -20.11 17.44 -2.35
C ASN A 494 -18.68 17.96 -2.49
N PRO A 495 -18.22 18.79 -1.55
CA PRO A 495 -16.82 19.24 -1.52
C PRO A 495 -15.89 18.07 -1.20
N ILE A 496 -14.74 18.02 -1.87
CA ILE A 496 -13.62 17.14 -1.49
C ILE A 496 -12.96 17.74 -0.24
N MET A 497 -13.00 16.98 0.84
CA MET A 497 -12.65 17.43 2.20
C MET A 497 -11.36 16.74 2.64
N TYR A 498 -10.64 17.39 3.54
CA TYR A 498 -9.52 16.82 4.30
C TYR A 498 -9.69 17.32 5.73
N ALA A 499 -10.02 16.43 6.65
CA ALA A 499 -10.53 16.83 7.98
C ALA A 499 -11.58 17.93 7.78
N ASN A 500 -11.33 19.14 8.30
CA ASN A 500 -12.30 20.27 8.17
C ASN A 500 -11.88 21.23 7.05
N SER A 501 -10.84 20.89 6.28
CA SER A 501 -10.35 21.82 5.23
C SER A 501 -11.01 21.48 3.89
N LYS A 502 -11.50 22.51 3.20
CA LYS A 502 -12.02 22.39 1.82
C LYS A 502 -10.87 22.56 0.82
N GLY A 503 -9.65 22.76 1.33
CA GLY A 503 -8.44 22.83 0.47
C GLY A 503 -7.68 24.14 0.65
N THR A 504 -6.55 24.25 -0.04
CA THR A 504 -5.59 25.38 0.08
C THR A 504 -5.31 25.90 -1.33
N GLY A 505 -4.09 25.71 -1.83
CA GLY A 505 -3.72 26.10 -3.20
C GLY A 505 -2.83 25.08 -3.87
N MET A 506 -1.87 25.54 -4.65
CA MET A 506 -0.90 24.64 -5.33
C MET A 506 0.03 24.04 -4.27
N MET A 507 0.47 22.81 -4.48
CA MET A 507 1.49 22.21 -3.58
C MET A 507 2.30 21.17 -4.36
N THR A 508 3.47 20.84 -3.84
CA THR A 508 4.31 19.78 -4.44
C THR A 508 3.66 18.42 -4.19
N LEU A 509 4.02 17.43 -5.00
CA LEU A 509 3.72 16.00 -4.75
C LEU A 509 4.15 15.62 -3.32
N GLY A 510 5.32 16.08 -2.87
CA GLY A 510 5.84 15.73 -1.53
C GLY A 510 4.90 16.21 -0.44
N GLU A 511 4.47 17.47 -0.51
CA GLU A 511 3.51 18.00 0.49
C GLU A 511 2.19 17.23 0.39
N ALA A 512 1.72 16.96 -0.83
CA ALA A 512 0.45 16.22 -1.04
C ALA A 512 0.55 14.85 -0.37
N LEU A 513 1.70 14.19 -0.50
CA LEU A 513 1.86 12.84 0.09
C LEU A 513 2.06 12.91 1.61
N ASN A 514 2.88 13.84 2.10
CA ASN A 514 3.21 13.93 3.54
C ASN A 514 1.93 14.14 4.34
N TYR A 515 1.04 14.99 3.82
CA TYR A 515 -0.23 15.33 4.51
C TYR A 515 -1.34 14.35 4.13
N SER A 516 -1.19 13.67 2.99
CA SER A 516 -2.28 12.89 2.35
C SER A 516 -3.46 13.84 2.00
N TRP A 517 -3.16 15.00 1.43
CA TRP A 517 -4.25 15.85 0.89
C TRP A 517 -5.03 15.05 -0.15
N ASN A 518 -6.34 15.30 -0.28
CA ASN A 518 -7.22 14.40 -1.06
C ASN A 518 -7.39 14.96 -2.47
N ILE A 519 -7.48 16.27 -2.59
CA ILE A 519 -7.77 16.94 -3.89
C ILE A 519 -6.67 16.60 -4.89
N PRO A 520 -5.38 16.67 -4.52
CA PRO A 520 -4.32 16.34 -5.46
C PRO A 520 -4.42 14.89 -5.99
N ALA A 521 -4.83 13.96 -5.13
CA ALA A 521 -5.02 12.54 -5.52
C ALA A 521 -6.20 12.41 -6.48
N TYR A 522 -7.27 13.15 -6.19
CA TYR A 522 -8.47 13.20 -7.05
C TYR A 522 -8.05 13.63 -8.45
N TRP A 523 -7.26 14.71 -8.56
CA TRP A 523 -6.88 15.27 -9.88
C TRP A 523 -5.94 14.30 -10.61
N THR A 524 -5.07 13.63 -9.87
CA THR A 524 -4.11 12.70 -10.51
C THR A 524 -4.90 11.57 -11.15
N TYR A 525 -5.90 11.05 -10.43
CA TYR A 525 -6.67 9.90 -10.94
C TYR A 525 -7.54 10.36 -12.12
N ARG A 526 -8.09 11.57 -12.03
CA ARG A 526 -8.90 12.11 -13.13
CA ARG A 526 -8.90 12.16 -13.12
C ARG A 526 -8.03 12.25 -14.40
N MET A 527 -6.79 12.67 -14.23
CA MET A 527 -5.82 12.78 -15.36
C MET A 527 -5.58 11.40 -15.97
N LEU A 528 -5.43 10.36 -15.16
CA LEU A 528 -5.22 8.98 -15.68
C LEU A 528 -6.46 8.55 -16.49
N ARG A 529 -7.66 8.80 -15.95
CA ARG A 529 -8.95 8.47 -16.61
C ARG A 529 -9.04 9.21 -17.94
N GLU A 530 -8.77 10.51 -17.93
CA GLU A 530 -8.87 11.38 -19.14
C GLU A 530 -7.90 10.88 -20.21
N ASN A 531 -6.75 10.33 -19.79
CA ASN A 531 -5.68 9.91 -20.73
C ASN A 531 -5.87 8.44 -21.10
N GLY A 532 -6.89 7.78 -20.56
CA GLY A 532 -7.24 6.38 -20.87
C GLY A 532 -6.14 5.43 -20.45
N VAL A 533 -5.44 5.73 -19.35
CA VAL A 533 -4.38 4.85 -18.80
C VAL A 533 -5.02 3.56 -18.30
N ASP A 534 -4.39 2.41 -18.59
CA ASP A 534 -4.89 1.07 -18.19
C ASP A 534 -4.49 0.84 -16.73
N VAL A 535 -5.15 1.55 -15.82
CA VAL A 535 -4.91 1.45 -14.34
C VAL A 535 -5.19 0.02 -13.92
N LYS A 536 -6.27 -0.57 -14.43
CA LYS A 536 -6.66 -1.95 -14.07
C LYS A 536 -5.48 -2.91 -14.34
N GLY A 537 -4.77 -2.70 -15.45
CA GLY A 537 -3.62 -3.54 -15.84
C GLY A 537 -2.57 -3.56 -14.75
N TYR A 538 -2.24 -2.39 -14.19
CA TYR A 538 -1.33 -2.30 -13.02
C TYR A 538 -1.91 -3.05 -11.83
N MET A 539 -3.14 -2.72 -11.43
CA MET A 539 -3.68 -3.19 -10.14
C MET A 539 -3.87 -4.72 -10.20
N GLU A 540 -4.28 -5.26 -11.36
CA GLU A 540 -4.52 -6.71 -11.51
C GLU A 540 -3.20 -7.48 -11.55
N LYS A 541 -2.12 -6.87 -12.01
CA LYS A 541 -0.79 -7.54 -11.96
C LYS A 541 -0.39 -7.76 -10.50
N MET A 542 -0.93 -6.95 -9.59
CA MET A 542 -0.57 -7.06 -8.15
C MET A 542 -1.63 -7.85 -7.39
N GLY A 543 -2.68 -8.31 -8.08
CA GLY A 543 -3.68 -9.23 -7.52
C GLY A 543 -4.86 -8.49 -6.90
N TYR A 544 -4.98 -7.19 -7.15
CA TYR A 544 -6.14 -6.42 -6.62
C TYR A 544 -7.37 -6.70 -7.49
N GLU A 545 -8.51 -6.79 -6.82
CA GLU A 545 -9.85 -6.88 -7.45
C GLU A 545 -10.65 -5.62 -7.11
N ILE A 546 -10.80 -4.74 -8.09
CA ILE A 546 -11.58 -3.48 -7.97
C ILE A 546 -12.71 -3.55 -8.99
N PRO A 547 -13.98 -3.44 -8.55
CA PRO A 547 -15.11 -3.63 -9.45
C PRO A 547 -15.35 -2.48 -10.42
N GLU A 548 -15.09 -1.25 -10.00
CA GLU A 548 -15.44 -0.04 -10.79
C GLU A 548 -14.27 0.93 -10.74
N TYR A 549 -13.59 1.12 -11.88
CA TYR A 549 -12.37 1.96 -11.95
C TYR A 549 -12.72 3.44 -12.16
N GLY A 550 -14.00 3.76 -12.39
CA GLY A 550 -14.44 5.15 -12.63
C GLY A 550 -14.74 5.93 -11.36
N ILE A 551 -14.71 5.29 -10.17
CA ILE A 551 -15.02 5.94 -8.86
C ILE A 551 -14.04 7.12 -8.66
N GLU A 552 -14.54 8.33 -8.42
CA GLU A 552 -13.70 9.55 -8.26
C GLU A 552 -12.81 9.46 -7.02
N SER A 553 -13.26 8.76 -5.97
CA SER A 553 -12.54 8.67 -4.68
C SER A 553 -11.72 7.38 -4.60
N LEU A 554 -11.52 6.69 -5.72
CA LEU A 554 -10.70 5.45 -5.76
C LEU A 554 -9.33 5.66 -5.13
N PRO A 555 -8.57 6.74 -5.42
CA PRO A 555 -7.25 6.92 -4.80
C PRO A 555 -7.31 7.10 -3.29
N MET A 556 -8.45 7.58 -2.79
CA MET A 556 -8.64 7.80 -1.34
C MET A 556 -9.22 6.52 -0.70
N GLY A 557 -9.45 5.47 -1.50
CA GLY A 557 -9.90 4.15 -1.00
C GLY A 557 -11.40 3.90 -1.18
N GLY A 558 -12.12 4.82 -1.82
CA GLY A 558 -13.52 4.56 -2.20
C GLY A 558 -13.60 3.49 -3.28
N GLY A 559 -14.43 2.46 -3.08
CA GLY A 559 -14.67 1.41 -4.08
C GLY A 559 -13.54 0.40 -4.13
N ILE A 560 -12.77 0.28 -3.06
CA ILE A 560 -11.74 -0.79 -2.94
C ILE A 560 -11.79 -1.31 -1.51
N GLU A 561 -11.83 -2.63 -1.37
CA GLU A 561 -11.73 -3.31 -0.05
C GLU A 561 -10.71 -4.43 -0.22
N VAL A 562 -9.78 -4.55 0.72
CA VAL A 562 -8.63 -5.49 0.59
C VAL A 562 -8.35 -6.14 1.94
N THR A 563 -7.75 -7.31 1.89
CA THR A 563 -7.12 -7.91 3.09
C THR A 563 -5.79 -7.22 3.35
N VAL A 564 -5.32 -7.32 4.58
CA VAL A 564 -3.98 -6.82 4.94
C VAL A 564 -2.92 -7.57 4.12
N ALA A 565 -3.08 -8.88 3.92
CA ALA A 565 -2.07 -9.67 3.19
C ALA A 565 -1.98 -9.16 1.74
N GLN A 566 -3.12 -8.91 1.10
CA GLN A 566 -3.12 -8.46 -0.31
C GLN A 566 -2.46 -7.08 -0.39
N HIS A 567 -2.84 -6.18 0.52
CA HIS A 567 -2.38 -4.77 0.45
C HIS A 567 -0.88 -4.73 0.75
N THR A 568 -0.41 -5.56 1.68
CA THR A 568 1.04 -5.74 1.95
C THR A 568 1.75 -6.10 0.65
N ASN A 569 1.13 -6.91 -0.21
CA ASN A 569 1.68 -7.35 -1.52
C ASN A 569 1.85 -6.15 -2.46
N GLY A 570 0.96 -5.15 -2.38
CA GLY A 570 1.07 -3.93 -3.19
C GLY A 570 2.32 -3.16 -2.80
N TYR A 571 2.53 -3.01 -1.51
CA TYR A 571 3.68 -2.23 -0.97
C TYR A 571 4.96 -3.04 -1.18
N GLN A 572 4.89 -4.36 -1.12
CA GLN A 572 6.04 -5.24 -1.48
C GLN A 572 6.53 -4.86 -2.88
N THR A 573 5.60 -4.62 -3.80
CA THR A 573 5.89 -4.32 -5.22
C THR A 573 6.69 -3.01 -5.29
N LEU A 574 6.22 -1.97 -4.61
CA LEU A 574 6.92 -0.66 -4.61
C LEU A 574 8.29 -0.81 -3.95
N ALA A 575 8.34 -1.53 -2.85
CA ALA A 575 9.60 -1.67 -2.06
C ALA A 575 10.63 -2.44 -2.90
N ASN A 576 10.16 -3.43 -3.67
CA ASN A 576 11.03 -4.35 -4.44
C ASN A 576 11.32 -3.73 -5.82
N ASN A 577 11.50 -2.41 -5.87
CA ASN A 577 11.89 -1.67 -7.11
C ASN A 577 10.93 -2.03 -8.24
N GLY A 578 9.66 -2.26 -7.90
CA GLY A 578 8.56 -2.29 -8.89
C GLY A 578 8.21 -3.72 -9.30
N VAL A 579 8.90 -4.71 -8.75
CA VAL A 579 8.73 -6.14 -9.12
C VAL A 579 7.85 -6.83 -8.08
N TYR A 580 6.64 -7.20 -8.50
CA TYR A 580 5.67 -8.02 -7.73
C TYR A 580 6.15 -9.47 -7.61
N HIS A 581 6.04 -10.03 -6.41
CA HIS A 581 6.03 -11.48 -6.15
C HIS A 581 4.74 -11.82 -5.43
N GLN A 582 4.00 -12.82 -5.92
CA GLN A 582 2.70 -13.17 -5.31
C GLN A 582 2.92 -13.64 -3.88
N LYS A 583 2.21 -13.02 -2.94
CA LYS A 583 2.21 -13.42 -1.51
C LYS A 583 1.96 -14.94 -1.41
N HIS A 584 2.58 -15.55 -0.41
CA HIS A 584 2.33 -16.98 -0.12
C HIS A 584 2.75 -17.28 1.31
N VAL A 585 2.05 -18.22 1.94
CA VAL A 585 2.42 -18.82 3.25
CA VAL A 585 2.43 -18.81 3.25
C VAL A 585 2.91 -20.25 3.01
N ILE A 586 2.30 -20.96 2.08
CA ILE A 586 2.74 -22.35 1.75
C ILE A 586 3.75 -22.30 0.61
N SER A 587 4.93 -22.88 0.81
CA SER A 587 5.95 -22.99 -0.27
C SER A 587 5.85 -24.37 -0.92
N LYS A 588 5.44 -25.40 -0.17
CA LYS A 588 5.41 -26.75 -0.75
C LYS A 588 4.50 -27.65 0.09
N ILE A 589 3.82 -28.58 -0.57
CA ILE A 589 3.16 -29.74 0.09
C ILE A 589 3.72 -31.02 -0.53
N GLU A 590 4.18 -31.93 0.32
CA GLU A 590 4.69 -33.26 -0.08
C GLU A 590 3.90 -34.35 0.62
N ALA A 591 3.63 -35.44 -0.08
CA ALA A 591 3.25 -36.73 0.55
C ALA A 591 4.37 -37.18 1.49
N ALA A 592 4.05 -38.12 2.38
CA ALA A 592 5.01 -38.71 3.34
C ALA A 592 6.23 -39.25 2.57
N ASP A 593 6.03 -39.77 1.36
CA ASP A 593 7.09 -40.46 0.57
C ASP A 593 7.80 -39.45 -0.33
N GLY A 594 7.49 -38.17 -0.20
CA GLY A 594 8.21 -37.06 -0.86
C GLY A 594 7.64 -36.66 -2.21
N ARG A 595 6.56 -37.29 -2.69
CA ARG A 595 5.89 -36.83 -3.93
C ARG A 595 5.35 -35.40 -3.72
N VAL A 596 5.51 -34.53 -4.72
CA VAL A 596 5.13 -33.10 -4.60
C VAL A 596 3.67 -32.95 -5.02
N VAL A 597 2.82 -32.51 -4.08
CA VAL A 597 1.38 -32.23 -4.26
C VAL A 597 1.25 -30.83 -4.86
N TYR A 598 2.09 -29.92 -4.38
CA TYR A 598 2.05 -28.48 -4.76
C TYR A 598 3.41 -27.86 -4.41
N GLU A 599 3.89 -26.97 -5.27
CA GLU A 599 5.11 -26.18 -4.99
C GLU A 599 4.86 -24.77 -5.52
N TYR A 600 5.00 -23.78 -4.66
CA TYR A 600 4.91 -22.37 -5.10
C TYR A 600 5.94 -22.13 -6.20
N GLN A 601 5.53 -21.40 -7.24
CA GLN A 601 6.38 -21.06 -8.41
C GLN A 601 6.48 -19.53 -8.44
N ASP A 602 7.70 -19.00 -8.32
CA ASP A 602 7.96 -17.56 -8.46
C ASP A 602 7.63 -17.12 -9.89
N LYS A 603 6.88 -16.01 -10.02
CA LYS A 603 6.44 -15.39 -11.30
C LYS A 603 6.59 -13.88 -11.15
N PRO A 604 7.84 -13.39 -11.11
CA PRO A 604 8.10 -11.97 -10.91
C PRO A 604 7.46 -11.17 -12.04
N VAL A 605 6.86 -10.02 -11.71
CA VAL A 605 6.22 -9.13 -12.73
C VAL A 605 6.67 -7.70 -12.46
N GLN A 606 7.31 -7.07 -13.46
CA GLN A 606 7.72 -5.64 -13.36
C GLN A 606 6.46 -4.80 -13.52
N VAL A 607 5.84 -4.41 -12.42
CA VAL A 607 4.54 -3.67 -12.46
C VAL A 607 4.83 -2.18 -12.71
N TYR A 608 5.81 -1.62 -11.99
CA TYR A 608 6.26 -0.23 -12.18
C TYR A 608 7.70 -0.28 -12.68
N SER A 609 8.13 0.69 -13.47
CA SER A 609 9.57 0.77 -13.83
C SER A 609 10.38 0.91 -12.54
N LYS A 610 11.65 0.56 -12.61
CA LYS A 610 12.59 0.79 -11.47
C LYS A 610 12.66 2.29 -11.18
N ALA A 611 12.59 3.13 -12.20
CA ALA A 611 12.63 4.60 -11.99
C ALA A 611 11.43 4.99 -11.14
N THR A 612 10.23 4.53 -11.51
CA THR A 612 8.99 4.90 -10.79
C THR A 612 9.09 4.43 -9.34
N ALA A 613 9.40 3.16 -9.15
CA ALA A 613 9.43 2.54 -7.80
C ALA A 613 10.41 3.33 -6.92
N THR A 614 11.61 3.63 -7.44
CA THR A 614 12.67 4.22 -6.57
C THR A 614 12.32 5.69 -6.30
N ILE A 615 11.67 6.37 -7.24
CA ILE A 615 11.16 7.74 -6.98
C ILE A 615 10.12 7.65 -5.85
N MET A 616 9.16 6.73 -5.93
CA MET A 616 8.09 6.61 -4.91
C MET A 616 8.70 6.27 -3.55
N GLN A 617 9.75 5.45 -3.51
CA GLN A 617 10.45 5.14 -2.23
C GLN A 617 10.91 6.43 -1.56
N GLY A 618 11.55 7.33 -2.32
CA GLY A 618 12.04 8.60 -1.75
C GLY A 618 10.89 9.44 -1.22
N LEU A 619 9.75 9.45 -1.91
CA LEU A 619 8.60 10.25 -1.44
C LEU A 619 8.04 9.63 -0.16
N LEU A 620 7.95 8.30 -0.09
CA LEU A 620 7.33 7.62 1.07
C LEU A 620 8.29 7.64 2.24
N ARG A 621 9.59 7.85 2.01
CA ARG A 621 10.55 8.07 3.13
C ARG A 621 10.13 9.34 3.87
N GLU A 622 9.81 10.39 3.13
CA GLU A 622 9.48 11.72 3.71
C GLU A 622 8.11 11.66 4.39
N VAL A 623 7.20 10.80 3.92
CA VAL A 623 5.88 10.68 4.57
C VAL A 623 6.12 10.32 6.04
N LEU A 624 7.00 9.37 6.30
CA LEU A 624 7.24 8.95 7.71
C LEU A 624 8.07 10.01 8.44
N SER A 625 9.10 10.55 7.82
CA SER A 625 10.04 11.47 8.50
CA SER A 625 10.02 11.45 8.56
C SER A 625 9.32 12.76 8.86
N SER A 626 8.36 13.16 8.02
CA SER A 626 7.61 14.42 8.23
C SER A 626 6.72 14.33 9.48
N ARG A 627 6.30 13.12 9.85
CA ARG A 627 5.48 12.81 11.05
C ARG A 627 4.15 13.55 11.01
N VAL A 628 3.66 13.92 9.83
CA VAL A 628 2.40 14.70 9.74
C VAL A 628 1.22 13.77 10.04
N THR A 629 1.23 12.55 9.48
CA THR A 629 0.04 11.65 9.55
C THR A 629 0.34 10.45 10.45
N THR A 630 1.55 10.36 10.98
CA THR A 630 1.89 9.24 11.88
C THR A 630 3.05 9.63 12.79
N THR A 631 2.99 9.20 14.05
CA THR A 631 4.07 9.43 15.03
C THR A 631 5.09 8.29 14.96
N PHE A 632 4.96 7.37 14.01
CA PHE A 632 5.75 6.11 13.97
C PHE A 632 7.25 6.37 14.17
N LYS A 633 7.85 7.31 13.43
CA LYS A 633 9.32 7.50 13.53
C LYS A 633 9.68 7.98 14.94
N SER A 634 8.86 8.79 15.59
CA SER A 634 9.13 9.23 16.98
C SER A 634 9.03 8.03 17.92
N ASN A 635 7.99 7.23 17.73
CA ASN A 635 7.76 6.03 18.57
C ASN A 635 8.97 5.10 18.43
N LEU A 636 9.37 4.81 17.20
CA LEU A 636 10.44 3.80 16.99
C LEU A 636 11.78 4.35 17.46
N THR A 637 12.04 5.65 17.24
CA THR A 637 13.34 6.23 17.65
C THR A 637 13.51 5.98 19.15
N SER A 638 12.44 6.11 19.93
CA SER A 638 12.53 5.94 21.41
C SER A 638 12.74 4.48 21.75
N LEU A 639 12.03 3.56 21.09
CA LEU A 639 12.11 2.11 21.42
C LEU A 639 13.45 1.54 20.98
N ASN A 640 13.94 1.97 19.83
CA ASN A 640 15.06 1.26 19.14
C ASN A 640 15.69 2.25 18.17
N PRO A 641 16.53 3.18 18.65
CA PRO A 641 17.09 4.21 17.79
C PRO A 641 17.91 3.62 16.63
N THR A 642 18.59 2.50 16.85
CA THR A 642 19.38 1.90 15.75
C THR A 642 18.43 1.41 14.63
N LEU A 643 17.33 0.76 15.00
CA LEU A 643 16.34 0.30 14.00
C LEU A 643 15.66 1.49 13.34
N ALA A 644 15.48 2.60 14.06
CA ALA A 644 14.82 3.77 13.48
C ALA A 644 15.70 4.36 12.38
N ASN A 645 16.99 4.05 12.40
CA ASN A 645 17.96 4.58 11.40
C ASN A 645 18.03 3.68 10.15
N ALA A 646 17.33 2.54 10.16
CA ALA A 646 17.08 1.77 8.92
C ALA A 646 16.25 2.64 7.96
N ASP A 647 16.21 2.26 6.68
CA ASP A 647 15.57 3.11 5.64
C ASP A 647 14.06 2.81 5.60
N TRP A 648 13.31 3.40 6.53
CA TRP A 648 11.84 3.24 6.63
C TRP A 648 11.15 4.12 5.60
N ILE A 649 10.19 3.54 4.90
CA ILE A 649 9.21 4.28 4.06
C ILE A 649 7.82 3.78 4.45
N GLY A 650 6.79 4.60 4.22
CA GLY A 650 5.45 4.07 4.41
C GLY A 650 4.39 5.11 4.12
N LYS A 651 3.15 4.73 4.40
CA LYS A 651 1.99 5.56 4.08
C LYS A 651 0.86 5.19 5.04
N THR A 652 0.01 6.17 5.36
CA THR A 652 -1.14 6.03 6.27
C THR A 652 -2.44 6.12 5.47
N GLY A 653 -3.52 5.66 6.08
CA GLY A 653 -4.88 5.86 5.55
C GLY A 653 -5.89 5.85 6.66
N THR A 654 -6.96 6.61 6.47
CA THR A 654 -8.12 6.74 7.39
C THR A 654 -9.39 6.69 6.54
N THR A 655 -10.33 5.79 6.82
CA THR A 655 -11.59 5.76 6.05
C THR A 655 -12.51 6.86 6.57
N GLY A 656 -13.67 7.06 5.93
CA GLY A 656 -14.44 8.31 5.97
C GLY A 656 -14.83 8.72 7.37
N GLN A 657 -15.25 7.75 8.19
CA GLN A 657 -15.79 8.01 9.56
C GLN A 657 -14.78 7.47 10.58
N ASP A 658 -13.51 7.42 10.21
CA ASP A 658 -12.43 6.88 11.06
C ASP A 658 -12.75 5.43 11.47
N GLU A 659 -13.40 4.66 10.60
CA GLU A 659 -13.75 3.24 10.90
C GLU A 659 -12.51 2.34 10.72
N ASN A 660 -11.56 2.74 9.87
CA ASN A 660 -10.40 1.88 9.54
C ASN A 660 -9.16 2.77 9.43
N MET A 661 -8.09 2.38 10.11
CA MET A 661 -6.79 3.06 9.97
C MET A 661 -5.79 2.06 9.40
N TRP A 662 -4.88 2.55 8.58
CA TRP A 662 -3.82 1.72 7.98
C TRP A 662 -2.48 2.41 8.19
N LEU A 663 -1.45 1.62 8.38
CA LEU A 663 -0.04 2.05 8.26
C LEU A 663 0.72 0.93 7.57
N MET A 664 1.27 1.26 6.40
CA MET A 664 2.10 0.35 5.58
C MET A 664 3.54 0.83 5.71
N LEU A 665 4.44 -0.07 6.07
CA LEU A 665 5.86 0.23 6.35
C LEU A 665 6.73 -0.71 5.51
N SER A 666 7.84 -0.18 4.99
CA SER A 666 8.83 -1.04 4.32
C SER A 666 10.23 -0.58 4.72
N THR A 667 11.13 -1.54 4.84
CA THR A 667 12.56 -1.34 4.53
C THR A 667 12.85 -2.06 3.21
N PRO A 668 14.08 -1.95 2.66
CA PRO A 668 14.39 -2.68 1.44
C PRO A 668 14.10 -4.18 1.59
N ARG A 669 14.31 -4.76 2.77
CA ARG A 669 14.16 -6.22 2.97
C ARG A 669 12.69 -6.63 3.14
N LEU A 670 11.92 -5.89 3.95
CA LEU A 670 10.61 -6.37 4.46
C LEU A 670 9.55 -5.29 4.29
N THR A 671 8.31 -5.71 4.13
CA THR A 671 7.12 -4.83 4.22
C THR A 671 6.26 -5.35 5.38
N LEU A 672 5.74 -4.43 6.19
CA LEU A 672 4.79 -4.76 7.27
C LEU A 672 3.53 -3.95 7.05
N GLY A 673 2.43 -4.64 6.79
CA GLY A 673 1.10 -4.02 6.65
C GLY A 673 0.39 -4.01 7.98
N GLY A 674 -0.40 -2.97 8.24
CA GLY A 674 -1.13 -2.83 9.49
C GLY A 674 -2.48 -2.19 9.26
N TRP A 675 -3.52 -2.88 9.71
CA TRP A 675 -4.91 -2.35 9.78
C TRP A 675 -5.32 -2.35 11.25
N ILE A 676 -6.10 -1.36 11.66
CA ILE A 676 -6.93 -1.46 12.89
C ILE A 676 -8.33 -0.99 12.57
N GLY A 677 -9.28 -1.50 13.33
CA GLY A 677 -10.69 -1.13 13.24
C GLY A 677 -11.52 -1.98 14.18
N HIS A 678 -12.85 -1.90 14.00
CA HIS A 678 -13.83 -2.67 14.81
C HIS A 678 -14.51 -3.70 13.92
N ASP A 679 -14.79 -4.90 14.45
CA ASP A 679 -15.48 -5.95 13.67
C ASP A 679 -16.85 -5.44 13.18
N ASP A 680 -17.51 -4.56 13.94
CA ASP A 680 -18.88 -4.07 13.58
C ASP A 680 -18.79 -2.72 12.86
N ASN A 681 -17.59 -2.28 12.48
CA ASN A 681 -17.37 -1.12 11.56
C ASN A 681 -17.66 0.22 12.27
N HIS A 682 -17.81 0.26 13.58
CA HIS A 682 -18.05 1.58 14.21
C HIS A 682 -16.74 2.37 14.26
N SER A 683 -16.82 3.67 14.52
CA SER A 683 -15.72 4.64 14.40
C SER A 683 -14.65 4.38 15.47
N LEU A 684 -13.38 4.49 15.09
CA LEU A 684 -12.24 4.65 16.04
C LEU A 684 -12.17 6.12 16.46
N SER A 685 -11.31 6.43 17.42
CA SER A 685 -11.01 7.84 17.81
C SER A 685 -10.29 8.53 16.65
N GLN A 686 -10.31 9.85 16.66
CA GLN A 686 -9.72 10.68 15.57
C GLN A 686 -8.23 10.37 15.40
N GLN A 687 -7.51 10.14 16.50
CA GLN A 687 -6.03 9.98 16.51
C GLN A 687 -5.63 8.50 16.55
N ALA A 688 -6.56 7.57 16.33
CA ALA A 688 -6.27 6.13 16.48
C ALA A 688 -5.14 5.70 15.53
N GLY A 689 -5.11 6.23 14.31
CA GLY A 689 -4.11 5.84 13.29
C GLY A 689 -2.84 6.64 13.50
N TYR A 690 -3.00 7.93 13.78
CA TYR A 690 -1.86 8.87 13.91
C TYR A 690 -0.97 8.43 15.06
N SER A 691 -1.57 8.14 16.22
CA SER A 691 -0.80 7.85 17.46
CA SER A 691 -0.83 7.86 17.48
C SER A 691 -0.89 6.36 17.80
N ASN A 692 -2.09 5.85 18.07
CA ASN A 692 -2.19 4.50 18.71
C ASN A 692 -1.60 3.42 17.80
N ASN A 693 -2.02 3.36 16.54
CA ASN A 693 -1.53 2.30 15.62
C ASN A 693 -0.02 2.49 15.37
N SER A 694 0.44 3.73 15.29
CA SER A 694 1.86 4.09 15.07
C SER A 694 2.71 3.54 16.23
N ASN A 695 2.22 3.69 17.45
CA ASN A 695 2.95 3.25 18.67
C ASN A 695 2.94 1.71 18.70
N TYR A 696 1.79 1.11 18.46
CA TYR A 696 1.67 -0.37 18.45
C TYR A 696 2.61 -0.94 17.36
N MET A 697 2.60 -0.35 16.17
CA MET A 697 3.43 -0.91 15.07
C MET A 697 4.92 -0.67 15.34
N ALA A 698 5.29 0.40 16.04
CA ALA A 698 6.69 0.59 16.49
C ALA A 698 7.07 -0.55 17.45
N HIS A 699 6.19 -0.91 18.37
CA HIS A 699 6.41 -2.07 19.29
C HIS A 699 6.52 -3.36 18.48
N LEU A 700 5.65 -3.57 17.49
CA LEU A 700 5.68 -4.82 16.68
C LEU A 700 7.01 -4.92 15.90
N VAL A 701 7.43 -3.82 15.28
CA VAL A 701 8.70 -3.74 14.50
C VAL A 701 9.89 -4.03 15.42
N ASN A 702 9.86 -3.49 16.63
CA ASN A 702 10.92 -3.70 17.64
C ASN A 702 10.93 -5.17 18.06
N ALA A 703 9.76 -5.76 18.30
CA ALA A 703 9.69 -7.18 18.72
C ALA A 703 10.26 -8.10 17.62
N ILE A 704 9.96 -7.78 16.36
CA ILE A 704 10.44 -8.58 15.19
C ILE A 704 11.97 -8.52 15.19
N GLN A 705 12.53 -7.32 15.39
CA GLN A 705 13.99 -7.10 15.30
C GLN A 705 14.67 -7.83 16.47
N GLN A 706 14.03 -7.82 17.65
CA GLN A 706 14.64 -8.46 18.84
C GLN A 706 14.67 -9.97 18.62
N ALA A 707 13.68 -10.51 17.91
CA ALA A 707 13.55 -11.95 17.60
C ALA A 707 14.55 -12.36 16.52
N SER A 708 14.89 -11.44 15.61
CA SER A 708 15.68 -11.69 14.38
C SER A 708 16.48 -10.45 13.99
N PRO A 709 17.63 -10.20 14.66
CA PRO A 709 18.26 -8.89 14.65
C PRO A 709 18.58 -8.28 13.28
N SER A 710 18.87 -9.11 12.28
CA SER A 710 19.30 -8.65 10.93
C SER A 710 18.11 -8.59 9.95
N ILE A 711 16.91 -9.00 10.37
CA ILE A 711 15.80 -9.27 9.42
C ILE A 711 15.39 -8.00 8.65
N TRP A 712 15.40 -6.81 9.27
CA TRP A 712 14.97 -5.57 8.57
C TRP A 712 16.05 -5.11 7.59
N GLY A 713 17.32 -5.32 7.91
CA GLY A 713 18.45 -5.03 7.01
C GLY A 713 18.92 -3.59 7.17
N ASN A 714 20.12 -3.31 6.66
CA ASN A 714 20.73 -1.96 6.79
C ASN A 714 20.88 -1.33 5.39
N GLU A 715 20.35 -1.99 4.36
CA GLU A 715 20.39 -1.48 2.95
C GLU A 715 19.51 -0.24 2.85
N ARG A 716 19.88 0.71 1.99
CA ARG A 716 19.09 1.94 1.74
C ARG A 716 18.28 1.74 0.46
N PHE A 717 17.11 2.36 0.36
CA PHE A 717 16.46 2.59 -0.94
C PHE A 717 17.29 3.64 -1.68
N ALA A 718 17.42 3.52 -3.00
CA ALA A 718 18.22 4.47 -3.79
C ALA A 718 17.58 4.65 -5.16
N LEU A 719 17.70 5.84 -5.73
CA LEU A 719 17.18 6.15 -7.09
C LEU A 719 17.86 5.21 -8.08
N ASP A 720 17.08 4.57 -8.94
CA ASP A 720 17.61 3.78 -10.07
C ASP A 720 18.41 4.72 -10.99
N PRO A 721 19.51 4.23 -11.61
CA PRO A 721 20.22 5.00 -12.62
C PRO A 721 19.35 5.53 -13.77
N SER A 722 18.26 4.83 -14.10
CA SER A 722 17.37 5.18 -15.23
C SER A 722 16.52 6.40 -14.89
N VAL A 723 16.52 6.84 -13.63
CA VAL A 723 15.74 8.05 -13.21
C VAL A 723 16.30 9.26 -13.96
N VAL A 724 15.42 10.12 -14.47
CA VAL A 724 15.80 11.40 -15.15
C VAL A 724 15.67 12.55 -14.14
N LYS A 725 16.73 13.35 -14.00
CA LYS A 725 16.76 14.51 -13.08
C LYS A 725 16.59 15.79 -13.90
N SER A 726 15.58 16.58 -13.55
CA SER A 726 15.25 17.84 -14.26
C SER A 726 15.35 19.00 -13.27
N GLU A 727 16.08 20.05 -13.64
CA GLU A 727 16.03 21.33 -12.91
C GLU A 727 14.74 22.04 -13.29
N VAL A 728 13.85 22.20 -12.33
CA VAL A 728 12.51 22.83 -12.55
C VAL A 728 12.38 24.00 -11.57
N LEU A 729 11.46 24.93 -11.87
CA LEU A 729 11.01 25.98 -10.93
C LEU A 729 10.34 25.32 -9.73
N LYS A 730 10.66 25.77 -8.51
CA LYS A 730 9.88 25.39 -7.30
C LYS A 730 8.41 25.72 -7.54
N SER A 731 8.11 26.83 -8.21
CA SER A 731 6.74 27.40 -8.24
C SER A 731 5.82 26.64 -9.22
N THR A 732 6.41 25.97 -10.22
CA THR A 732 5.60 25.36 -11.31
C THR A 732 5.90 23.87 -11.46
N GLY A 733 7.01 23.39 -10.89
CA GLY A 733 7.49 22.01 -11.09
C GLY A 733 7.89 21.72 -12.53
N GLN A 734 8.06 22.77 -13.34
CA GLN A 734 8.43 22.62 -14.77
C GLN A 734 9.63 23.54 -15.05
N LYS A 735 10.28 23.35 -16.19
CA LYS A 735 11.55 24.05 -16.53
C LYS A 735 11.26 25.54 -16.72
N PRO A 736 12.21 26.43 -16.37
CA PRO A 736 12.06 27.86 -16.64
C PRO A 736 11.71 28.06 -18.11
N GLY A 737 10.92 29.10 -18.41
CA GLY A 737 10.74 29.66 -19.75
C GLY A 737 9.55 30.61 -19.81
N LYS A 738 9.05 30.89 -21.02
CA LYS A 738 8.04 31.95 -21.29
C LYS A 738 6.63 31.34 -21.27
N VAL A 739 5.72 32.01 -20.55
CA VAL A 739 4.28 31.64 -20.49
C VAL A 739 3.43 32.87 -20.78
N SER A 740 2.33 32.68 -21.52
CA SER A 740 1.29 33.72 -21.74
C SER A 740 0.35 33.79 -20.53
N VAL A 741 0.46 34.87 -19.74
CA VAL A 741 -0.42 35.17 -18.57
C VAL A 741 -1.22 36.44 -18.88
N GLU A 742 -2.42 36.28 -19.44
CA GLU A 742 -3.36 37.39 -19.71
C GLU A 742 -2.73 38.33 -20.75
N GLY A 743 -2.65 37.88 -22.01
CA GLY A 743 -1.94 38.59 -23.10
C GLY A 743 -0.43 38.47 -22.96
N LYS A 744 0.12 38.96 -21.85
CA LYS A 744 1.55 39.37 -21.73
C LYS A 744 2.43 38.13 -21.55
N GLU A 745 3.27 37.85 -22.56
CA GLU A 745 4.43 36.91 -22.49
C GLU A 745 5.23 37.20 -21.22
N VAL A 746 5.36 36.22 -20.33
CA VAL A 746 6.04 36.41 -19.01
C VAL A 746 7.22 35.44 -18.93
N GLU A 747 8.41 35.96 -18.59
CA GLU A 747 9.64 35.17 -18.37
C GLU A 747 9.59 34.60 -16.94
N VAL A 748 9.28 33.31 -16.80
CA VAL A 748 9.15 32.67 -15.45
C VAL A 748 10.53 32.19 -15.01
N THR A 749 11.05 32.79 -13.93
CA THR A 749 12.32 32.40 -13.27
C THR A 749 12.08 32.23 -11.77
N GLY A 750 13.13 31.92 -11.03
CA GLY A 750 13.13 31.89 -9.55
C GLY A 750 13.77 30.61 -9.03
N SER A 751 13.60 30.33 -7.73
CA SER A 751 14.15 29.11 -7.07
C SER A 751 13.93 27.91 -8.00
N THR A 752 14.98 27.13 -8.24
CA THR A 752 14.91 25.83 -8.95
C THR A 752 15.11 24.67 -7.96
N VAL A 753 14.73 23.47 -8.37
CA VAL A 753 14.85 22.21 -7.57
C VAL A 753 15.01 21.04 -8.55
N THR A 754 15.71 19.99 -8.12
CA THR A 754 15.85 18.76 -8.94
C THR A 754 14.58 17.93 -8.82
N SER A 755 13.90 17.67 -9.94
CA SER A 755 12.68 16.85 -10.01
C SER A 755 13.01 15.50 -10.67
N TYR A 756 12.60 14.40 -10.03
CA TYR A 756 12.90 13.04 -10.54
C TYR A 756 11.74 12.57 -11.42
N TRP A 757 12.07 12.10 -12.63
CA TRP A 757 11.10 11.62 -13.65
C TRP A 757 11.46 10.19 -14.08
N ALA A 758 10.46 9.43 -14.56
CA ALA A 758 10.56 8.01 -14.95
C ALA A 758 10.20 7.90 -16.44
N ASN A 759 10.38 8.99 -17.18
CA ASN A 759 10.24 8.99 -18.65
C ASN A 759 11.64 9.12 -19.26
N LYS A 760 11.73 9.55 -20.51
CA LYS A 760 13.02 9.76 -21.21
C LYS A 760 13.43 11.23 -21.08
N SER A 761 12.52 12.16 -21.31
CA SER A 761 12.85 13.59 -21.56
C SER A 761 12.92 14.35 -20.24
N GLY A 762 12.32 13.81 -19.18
CA GLY A 762 12.18 14.54 -17.90
C GLY A 762 10.99 15.48 -17.92
N ALA A 763 11.08 16.57 -17.15
CA ALA A 763 10.02 17.60 -17.02
C ALA A 763 9.93 18.42 -18.30
N PRO A 764 8.71 18.82 -18.70
CA PRO A 764 8.52 19.76 -19.81
C PRO A 764 8.88 21.20 -19.38
N ALA A 765 8.90 22.13 -20.33
CA ALA A 765 8.92 23.60 -20.09
C ALA A 765 7.62 24.05 -19.44
N THR A 766 7.71 24.97 -18.47
CA THR A 766 6.50 25.53 -17.79
C THR A 766 5.48 25.93 -18.86
N SER A 767 4.25 25.43 -18.73
CA SER A 767 3.07 25.88 -19.51
C SER A 767 2.11 26.59 -18.54
N TYR A 768 1.09 27.28 -19.07
CA TYR A 768 0.11 28.05 -18.24
C TYR A 768 -0.53 27.10 -17.21
N ARG A 769 -1.01 25.94 -17.68
CA ARG A 769 -1.63 24.92 -16.80
C ARG A 769 -0.53 23.97 -16.31
N PHE A 770 0.31 24.44 -15.40
CA PHE A 770 1.59 23.77 -15.04
C PHE A 770 1.33 22.62 -14.06
N ALA A 771 0.19 22.66 -13.39
CA ALA A 771 -0.15 21.77 -12.25
C ALA A 771 -1.00 20.59 -12.73
N ILE A 772 -1.04 19.52 -11.94
CA ILE A 772 -2.10 18.49 -12.02
C ILE A 772 -3.39 19.08 -11.44
N GLY A 773 -4.38 19.31 -12.30
CA GLY A 773 -5.74 19.75 -11.91
C GLY A 773 -5.82 21.26 -11.79
N GLY A 774 -6.98 21.76 -11.37
CA GLY A 774 -7.20 23.18 -11.09
C GLY A 774 -8.16 23.80 -12.08
N SER A 775 -8.97 24.74 -11.58
CA SER A 775 -9.92 25.54 -12.40
C SER A 775 -9.19 26.76 -13.01
N ASP A 776 -9.84 27.44 -13.96
CA ASP A 776 -9.32 28.69 -14.60
C ASP A 776 -9.20 29.84 -13.58
N ALA A 777 -10.04 29.82 -12.54
CA ALA A 777 -9.96 30.69 -11.34
C ALA A 777 -8.72 30.34 -10.48
N ASP A 778 -8.47 29.05 -10.22
CA ASP A 778 -7.31 28.59 -9.41
C ASP A 778 -6.01 29.07 -10.07
N TYR A 779 -5.94 28.96 -11.40
CA TYR A 779 -4.75 29.31 -12.21
C TYR A 779 -4.58 30.84 -12.21
N GLN A 780 -5.68 31.58 -12.11
CA GLN A 780 -5.66 33.08 -12.06
C GLN A 780 -5.02 33.62 -10.75
N ASN A 781 -5.31 32.75 -9.64
CA ASN A 781 -4.82 32.98 -8.24
C ASN A 781 -3.40 32.38 -8.05
N ALA A 782 -3.05 31.40 -8.92
CA ALA A 782 -1.71 30.81 -8.76
C ALA A 782 -0.67 31.66 -9.47
N TRP A 783 -1.11 32.27 -10.61
CA TRP A 783 -0.21 33.06 -11.49
C TRP A 783 -0.02 34.48 -10.93
N SER A 784 -1.09 35.11 -10.43
CA SER A 784 -1.01 36.37 -9.63
C SER A 784 0.14 36.25 -8.65
N SER A 785 0.15 35.15 -7.88
CA SER A 785 1.08 34.91 -6.76
C SER A 785 2.50 34.73 -7.31
N ILE A 786 2.65 33.98 -8.42
CA ILE A 786 3.98 33.71 -9.05
C ILE A 786 4.51 34.98 -9.74
N VAL A 787 3.68 35.66 -10.54
CA VAL A 787 4.02 36.94 -11.21
C VAL A 787 4.47 37.94 -10.14
N GLY A 788 3.74 38.01 -9.02
CA GLY A 788 4.03 38.91 -7.88
C GLY A 788 5.47 38.75 -7.40
N SER A 789 6.12 37.63 -7.71
CA SER A 789 7.38 37.17 -7.06
C SER A 789 8.57 37.29 -8.02
N LEU A 790 8.34 37.78 -9.24
CA LEU A 790 9.40 37.91 -10.28
C LEU A 790 9.99 39.32 -10.24
C5 KQI B . -13.28 4.59 2.44
C6 KQI B . -12.40 5.62 2.11
N1 KQI B . -12.78 9.98 3.02
C2 KQI B . -14.15 7.21 2.45
N3 KQI B . -19.37 14.19 5.21
C4 KQI B . -14.58 4.87 2.77
CA KQI B . -8.00 9.95 3.26
C KQI B . -6.95 8.84 3.23
CB KQI B . -7.69 10.93 4.39
O KQI B . -6.83 8.11 4.17
OB1 KQI B . -8.74 11.92 4.45
CB1 KQI B . -6.34 11.59 4.23
N KQI B . -9.32 9.39 3.43
CAO KQI B . -10.37 9.80 2.71
OAR KQI B . -10.32 10.74 1.91
CAP KQI B . -11.67 9.04 2.91
CAS KQI B . -11.88 8.05 1.76
C7 KQI B . -12.79 10.96 3.91
C1 KQI B . -12.83 6.94 2.11
C3 KQI B . -15.02 6.18 2.77
C8 KQI B . -13.86 12.02 3.74
C9 KQI B . -14.11 12.82 4.99
C10 KQI B . -15.57 13.22 5.16
C11 KQI B . -15.92 14.55 4.50
C12 KQI B . -17.37 14.63 4.08
N2 KQI B . -18.22 14.77 5.28
N4 KQI B . -20.38 13.65 5.18
OC7 KQI B . -11.95 11.02 4.82
CL CL C . -4.06 9.25 6.52
CL CL D . -8.61 1.05 -15.94
CL CL E . -14.20 -0.45 4.62
CL CL F . -4.16 17.63 -15.18
CL CL G . 19.37 12.83 -15.68
CL CL H . 9.80 11.13 -22.56
CL CL I . 11.44 -21.05 11.21
CL CL J . 17.21 19.89 -16.74
CL CL K . 2.96 -41.31 0.82
CL CL L . -13.54 1.72 -16.45
CL CL M . -8.23 -7.09 -3.70
CL CL N . -0.26 -19.77 0.52
CL CL O . -1.17 -17.64 15.15
CL CL P . 12.55 -0.75 -15.38
CL CL Q . 5.62 12.85 16.81
CL CL R . 5.43 18.78 3.72
CL CL S . -13.14 28.70 -12.85
CL CL T . 22.60 3.46 13.79
CL CL U . -7.17 -18.26 10.69
CL CL V . -17.04 -4.64 17.16
CL CL W . 13.12 10.53 10.79
CL CL X . 18.92 8.04 -3.69
CL CL Y . -16.09 21.68 -8.65
S DMS Z . -1.29 -16.17 1.15
O DMS Z . -1.97 -14.84 1.31
C1 DMS Z . -1.91 -16.87 -0.37
C2 DMS Z . -2.11 -17.28 2.28
#